data_6UCG
#
_entry.id   6UCG
#
_cell.length_a   108.440
_cell.length_b   108.440
_cell.length_c   104.320
_cell.angle_alpha   90.000
_cell.angle_beta   90.000
_cell.angle_gamma   120.000
#
_symmetry.space_group_name_H-M   'P 61 2 2'
#
loop_
_entity.id
_entity.type
_entity.pdbx_description
1 polymer 'Nuclear receptor ROR-gamma'
2 non-polymer '(3S,4R)-1-[1-(2-chloro-6-cyclopropylbenzene-1-carbonyl)-4-fluoro-1H-indazol-3-yl]-3-hydroxypiperidine-4-carboxylic acid'
3 water water
#
_entity_poly.entity_id   1
_entity_poly.type   'polypeptide(L)'
_entity_poly.pdbx_seq_one_letter_code
;LTEIEHLVQSVCKSYRETCQLRLEDLLRQRSNIFSREEVTGYQRKSMWEMWERCAHHLTEAIQYVVEFAKRLSGFMELCQ
NDQIVLLKAGAMEVVLVRMCRAYNADNRTVFFEGKYGGMELFRALGCSELISSIFDFSHSLSALHFSEDEIALYTALVLI
NAHRPGLQEKRKVEQLQYNLELAFHHHLHKTHRQSILAKLPPKGKLRSLCSQHVERLQIFQHLHPIVVQAAFPPLYKELF
S
;
_entity_poly.pdbx_strand_id   A
#
loop_
_chem_comp.id
_chem_comp.type
_chem_comp.name
_chem_comp.formula
Q3Y non-polymer '(3S,4R)-1-[1-(2-chloro-6-cyclopropylbenzene-1-carbonyl)-4-fluoro-1H-indazol-3-yl]-3-hydroxypiperidine-4-carboxylic acid' 'C23 H21 Cl F N3 O4'
#
# COMPACT_ATOMS: atom_id res chain seq x y z
N LEU A 1 -25.04 2.91 14.36
CA LEU A 1 -25.79 3.63 15.39
C LEU A 1 -24.89 4.63 16.17
N THR A 2 -23.83 4.09 16.82
CA THR A 2 -22.91 4.81 17.69
C THR A 2 -21.91 5.74 16.96
N GLU A 3 -22.15 6.13 15.68
CA GLU A 3 -21.30 7.00 14.82
C GLU A 3 -19.90 6.40 14.50
N ILE A 4 -19.35 5.56 15.39
CA ILE A 4 -18.07 4.90 15.20
C ILE A 4 -18.37 3.78 14.23
N GLU A 5 -19.53 3.15 14.41
CA GLU A 5 -20.00 2.09 13.52
C GLU A 5 -20.22 2.70 12.15
N HIS A 6 -20.65 3.99 12.11
CA HIS A 6 -20.85 4.74 10.86
C HIS A 6 -19.50 4.87 10.13
N LEU A 7 -18.46 5.41 10.85
CA LEU A 7 -17.07 5.56 10.39
C LEU A 7 -16.52 4.24 9.83
N VAL A 8 -16.82 3.10 10.48
CA VAL A 8 -16.42 1.77 10.02
C VAL A 8 -17.01 1.54 8.61
N GLN A 9 -18.31 1.83 8.38
CA GLN A 9 -18.93 1.67 7.05
C GLN A 9 -18.27 2.63 6.04
N SER A 10 -18.03 3.91 6.45
CA SER A 10 -17.41 4.96 5.66
C SER A 10 -16.03 4.48 5.13
N VAL A 11 -15.13 4.06 6.05
CA VAL A 11 -13.77 3.56 5.79
C VAL A 11 -13.77 2.26 4.98
N CYS A 12 -14.82 1.43 5.11
CA CYS A 12 -14.88 0.18 4.36
C CYS A 12 -15.35 0.39 2.94
N LYS A 13 -16.17 1.46 2.72
CA LYS A 13 -16.73 1.89 1.45
C LYS A 13 -15.58 2.46 0.68
N SER A 14 -14.88 3.48 1.26
CA SER A 14 -13.72 4.14 0.67
C SER A 14 -12.73 3.10 0.12
N TYR A 15 -12.36 2.12 0.95
CA TYR A 15 -11.44 1.06 0.58
C TYR A 15 -11.96 0.16 -0.52
N ARG A 16 -13.27 -0.18 -0.49
CA ARG A 16 -13.94 -1.05 -1.47
C ARG A 16 -13.87 -0.40 -2.85
N GLU A 17 -14.16 0.92 -2.90
CA GLU A 17 -14.15 1.76 -4.11
C GLU A 17 -12.72 1.95 -4.65
N THR A 18 -11.78 2.39 -3.77
CA THR A 18 -10.38 2.63 -4.14
C THR A 18 -9.53 1.33 -4.30
N CYS A 19 -10.16 0.18 -4.34
CA CYS A 19 -9.45 -1.06 -4.55
C CYS A 19 -9.29 -1.19 -6.05
N GLN A 20 -8.12 -1.65 -6.55
CA GLN A 20 -7.95 -1.82 -8.00
C GLN A 20 -8.75 -3.06 -8.43
N LEU A 21 -8.44 -4.22 -7.84
CA LEU A 21 -9.09 -5.49 -8.08
C LEU A 21 -9.93 -5.87 -6.88
N ARG A 22 -10.56 -7.05 -6.93
CA ARG A 22 -11.38 -7.59 -5.86
C ARG A 22 -10.64 -8.82 -5.33
N LEU A 23 -10.79 -9.09 -4.02
CA LEU A 23 -10.12 -10.21 -3.39
C LEU A 23 -10.43 -11.57 -4.04
N GLU A 24 -11.68 -11.83 -4.49
CA GLU A 24 -12.01 -13.12 -5.09
C GLU A 24 -11.38 -13.30 -6.47
N ASP A 25 -11.27 -12.19 -7.24
CA ASP A 25 -10.64 -12.15 -8.56
C ASP A 25 -9.15 -12.48 -8.41
N LEU A 26 -8.50 -11.90 -7.38
CA LEU A 26 -7.09 -12.16 -7.07
C LEU A 26 -6.93 -13.61 -6.59
N LEU A 27 -7.92 -14.14 -5.83
CA LEU A 27 -7.89 -15.51 -5.31
C LEU A 27 -8.08 -16.57 -6.37
N ARG A 28 -8.99 -16.33 -7.34
CA ARG A 28 -9.24 -17.30 -8.43
C ARG A 28 -8.07 -17.41 -9.40
N GLN A 29 -7.41 -16.27 -9.68
CA GLN A 29 -6.28 -16.20 -10.60
C GLN A 29 -4.99 -16.85 -10.05
N ARG A 30 -5.03 -17.41 -8.80
CA ARG A 30 -3.90 -18.10 -8.15
C ARG A 30 -3.40 -19.29 -8.98
N SER A 31 -4.28 -19.86 -9.83
CA SER A 31 -4.02 -20.99 -10.73
C SER A 31 -3.23 -20.57 -11.99
N ASN A 32 -3.67 -19.46 -12.65
CA ASN A 32 -3.12 -18.81 -13.85
C ASN A 32 -1.75 -18.16 -13.47
N ILE A 33 -0.66 -18.94 -13.63
CA ILE A 33 0.73 -18.58 -13.29
C ILE A 33 1.63 -18.50 -14.52
N PHE A 34 2.46 -17.44 -14.61
CA PHE A 34 3.42 -17.22 -15.69
C PHE A 34 4.28 -18.44 -15.92
N SER A 35 4.44 -18.80 -17.20
CA SER A 35 5.26 -19.91 -17.68
C SER A 35 6.70 -19.42 -17.75
N ARG A 36 7.70 -20.34 -17.73
CA ARG A 36 9.12 -19.97 -17.83
C ARG A 36 9.42 -19.18 -19.09
N GLU A 37 8.65 -19.44 -20.17
CA GLU A 37 8.71 -18.76 -21.46
C GLU A 37 8.48 -17.24 -21.24
N GLU A 38 7.43 -16.90 -20.47
CA GLU A 38 7.01 -15.54 -20.10
C GLU A 38 7.92 -14.93 -19.03
N VAL A 39 8.41 -15.74 -18.05
CA VAL A 39 9.31 -15.30 -16.99
C VAL A 39 10.62 -14.83 -17.66
N THR A 40 11.12 -15.65 -18.62
CA THR A 40 12.34 -15.38 -19.39
C THR A 40 12.14 -14.08 -20.21
N GLY A 41 10.92 -13.91 -20.73
CA GLY A 41 10.55 -12.74 -21.49
C GLY A 41 10.76 -11.53 -20.64
N TYR A 42 10.31 -11.59 -19.36
CA TYR A 42 10.46 -10.50 -18.38
C TYR A 42 11.90 -10.27 -17.97
N GLN A 43 12.64 -11.38 -17.67
CA GLN A 43 14.04 -11.34 -17.26
C GLN A 43 14.89 -10.73 -18.36
N ARG A 44 14.58 -11.09 -19.65
CA ARG A 44 15.28 -10.60 -20.86
C ARG A 44 15.02 -9.09 -21.16
N LYS A 45 13.91 -8.52 -20.66
CA LYS A 45 13.54 -7.11 -20.85
C LYS A 45 14.62 -6.17 -20.37
N SER A 46 14.60 -4.92 -20.87
CA SER A 46 15.55 -3.90 -20.46
C SER A 46 15.26 -3.56 -18.99
N MET A 47 16.24 -3.00 -18.26
CA MET A 47 16.05 -2.63 -16.86
C MET A 47 15.01 -1.50 -16.80
N TRP A 48 15.07 -0.66 -17.83
CA TRP A 48 14.28 0.53 -18.08
C TRP A 48 12.88 0.25 -18.57
N GLU A 49 12.67 -0.86 -19.30
CA GLU A 49 11.32 -1.23 -19.74
C GLU A 49 10.60 -1.75 -18.52
N MET A 50 11.28 -2.58 -17.73
CA MET A 50 10.72 -3.12 -16.50
C MET A 50 10.44 -2.01 -15.50
N TRP A 51 11.37 -1.01 -15.43
CA TRP A 51 11.25 0.16 -14.56
C TRP A 51 10.03 0.97 -14.96
N GLU A 52 9.82 1.21 -16.26
CA GLU A 52 8.64 1.96 -16.73
C GLU A 52 7.35 1.21 -16.32
N ARG A 53 7.22 -0.08 -16.67
CA ARG A 53 6.07 -0.92 -16.30
C ARG A 53 5.78 -0.78 -14.80
N CYS A 54 6.77 -1.16 -13.95
CA CYS A 54 6.68 -1.09 -12.49
C CYS A 54 6.43 0.31 -11.94
N ALA A 55 6.98 1.33 -12.58
CA ALA A 55 6.76 2.68 -12.10
C ALA A 55 5.32 3.07 -12.25
N HIS A 56 4.68 2.69 -13.37
CA HIS A 56 3.29 3.05 -13.62
C HIS A 56 2.34 2.25 -12.75
N HIS A 57 2.60 0.96 -12.56
CA HIS A 57 1.78 0.17 -11.65
C HIS A 57 1.82 0.79 -10.25
N LEU A 58 3.00 1.27 -9.81
CA LEU A 58 3.17 1.93 -8.52
C LEU A 58 2.50 3.29 -8.44
N THR A 59 2.59 4.15 -9.49
CA THR A 59 1.93 5.46 -9.47
C THR A 59 0.43 5.28 -9.43
N GLU A 60 -0.07 4.22 -10.08
CA GLU A 60 -1.48 3.85 -10.14
C GLU A 60 -1.89 3.48 -8.75
N ALA A 61 -1.14 2.55 -8.12
CA ALA A 61 -1.36 2.10 -6.75
C ALA A 61 -1.51 3.31 -5.78
N ILE A 62 -0.53 4.26 -5.80
CA ILE A 62 -0.48 5.47 -4.98
C ILE A 62 -1.69 6.35 -5.23
N GLN A 63 -2.15 6.44 -6.49
CA GLN A 63 -3.32 7.24 -6.86
C GLN A 63 -4.62 6.71 -6.25
N TYR A 64 -4.73 5.39 -6.05
CA TYR A 64 -5.91 4.82 -5.38
C TYR A 64 -5.80 5.13 -3.89
N VAL A 65 -4.59 5.05 -3.30
CA VAL A 65 -4.38 5.39 -1.89
C VAL A 65 -4.68 6.87 -1.67
N VAL A 66 -4.31 7.76 -2.64
CA VAL A 66 -4.61 9.20 -2.54
C VAL A 66 -6.13 9.37 -2.56
N GLU A 67 -6.83 8.60 -3.42
CA GLU A 67 -8.29 8.66 -3.50
C GLU A 67 -8.94 8.13 -2.23
N PHE A 68 -8.33 7.09 -1.62
CA PHE A 68 -8.80 6.49 -0.39
C PHE A 68 -8.65 7.51 0.70
N ALA A 69 -7.49 8.19 0.78
CA ALA A 69 -7.29 9.22 1.79
C ALA A 69 -8.35 10.32 1.65
N LYS A 70 -8.61 10.81 0.40
CA LYS A 70 -9.62 11.84 0.06
C LYS A 70 -11.03 11.41 0.59
N ARG A 71 -11.39 10.14 0.37
CA ARG A 71 -12.67 9.59 0.81
C ARG A 71 -12.75 9.34 2.37
N LEU A 72 -11.64 9.51 3.11
CA LEU A 72 -11.67 9.29 4.55
C LEU A 72 -12.27 10.51 5.20
N SER A 73 -13.14 10.22 6.17
CA SER A 73 -13.86 11.20 6.96
C SER A 73 -12.90 12.21 7.59
N GLY A 74 -13.14 13.49 7.29
CA GLY A 74 -12.35 14.59 7.82
C GLY A 74 -10.93 14.76 7.35
N PHE A 75 -10.52 14.02 6.27
CA PHE A 75 -9.17 14.16 5.75
C PHE A 75 -9.01 15.46 4.99
N MET A 76 -10.00 15.87 4.18
CA MET A 76 -9.95 17.11 3.41
C MET A 76 -9.98 18.39 4.27
N GLU A 77 -10.66 18.30 5.44
CA GLU A 77 -10.83 19.38 6.40
C GLU A 77 -9.51 19.74 7.09
N LEU A 78 -8.45 18.96 6.77
CA LEU A 78 -7.10 19.18 7.25
C LEU A 78 -6.43 20.17 6.34
N CYS A 79 -5.40 20.85 6.83
CA CYS A 79 -4.66 21.83 6.02
C CYS A 79 -3.76 21.07 5.01
N GLN A 80 -3.55 21.67 3.82
CA GLN A 80 -2.75 21.04 2.78
C GLN A 80 -1.41 20.53 3.31
N ASN A 81 -0.69 21.30 4.17
CA ASN A 81 0.59 20.82 4.72
C ASN A 81 0.44 19.45 5.41
N ASP A 82 -0.63 19.27 6.23
CA ASP A 82 -0.93 18.03 6.93
C ASP A 82 -1.30 16.92 5.95
N GLN A 83 -2.09 17.24 4.89
CA GLN A 83 -2.44 16.29 3.83
C GLN A 83 -1.13 15.79 3.16
N ILE A 84 -0.19 16.73 2.83
CA ILE A 84 1.12 16.43 2.23
C ILE A 84 1.88 15.49 3.16
N VAL A 85 2.21 15.98 4.39
CA VAL A 85 2.98 15.28 5.44
C VAL A 85 2.46 13.84 5.69
N LEU A 86 1.12 13.64 5.72
CA LEU A 86 0.54 12.31 5.94
C LEU A 86 0.72 11.44 4.72
N LEU A 87 0.35 11.95 3.52
CA LEU A 87 0.46 11.23 2.25
C LEU A 87 1.91 10.87 1.79
N LYS A 88 2.87 11.81 1.92
CA LYS A 88 4.28 11.60 1.58
C LYS A 88 4.85 10.42 2.38
N ALA A 89 4.56 10.41 3.69
CA ALA A 89 5.01 9.41 4.63
C ALA A 89 4.34 8.06 4.54
N GLY A 90 3.00 8.02 4.44
CA GLY A 90 2.23 6.78 4.49
C GLY A 90 1.60 6.14 3.30
N ALA A 91 1.41 6.88 2.19
CA ALA A 91 0.78 6.36 0.98
C ALA A 91 1.42 5.06 0.48
N MET A 92 2.78 5.03 0.39
CA MET A 92 3.50 3.87 -0.07
C MET A 92 3.49 2.72 0.95
N GLU A 93 3.36 3.05 2.26
CA GLU A 93 3.26 2.02 3.31
C GLU A 93 1.92 1.29 3.06
N VAL A 94 0.85 2.06 2.75
CA VAL A 94 -0.46 1.50 2.43
C VAL A 94 -0.33 0.61 1.19
N VAL A 95 0.34 1.11 0.13
CA VAL A 95 0.54 0.31 -1.08
C VAL A 95 1.24 -1.03 -0.71
N LEU A 96 2.24 -1.00 0.18
CA LEU A 96 2.95 -2.22 0.57
C LEU A 96 2.09 -3.22 1.30
N VAL A 97 1.14 -2.72 2.10
CA VAL A 97 0.22 -3.57 2.86
C VAL A 97 -0.82 -4.13 1.88
N ARG A 98 -1.47 -3.25 1.10
CA ARG A 98 -2.47 -3.61 0.09
C ARG A 98 -1.97 -4.79 -0.78
N MET A 99 -0.67 -4.79 -1.05
CA MET A 99 0.05 -5.78 -1.82
C MET A 99 -0.10 -7.23 -1.30
N CYS A 100 -0.30 -7.45 0.01
CA CYS A 100 -0.42 -8.81 0.55
C CYS A 100 -1.63 -9.58 0.00
N ARG A 101 -2.62 -8.86 -0.59
CA ARG A 101 -3.85 -9.38 -1.19
C ARG A 101 -3.55 -10.11 -2.49
N ALA A 102 -2.61 -9.55 -3.27
CA ALA A 102 -2.14 -10.08 -4.56
C ALA A 102 -0.97 -11.03 -4.40
N TYR A 103 -0.65 -11.45 -3.17
CA TYR A 103 0.47 -12.34 -2.88
C TYR A 103 0.01 -13.73 -2.43
N ASN A 104 0.59 -14.81 -2.98
CA ASN A 104 0.25 -16.20 -2.63
C ASN A 104 1.39 -16.83 -1.85
N ALA A 105 1.15 -17.10 -0.56
CA ALA A 105 2.18 -17.68 0.32
C ALA A 105 2.57 -19.14 0.00
N ASP A 106 1.74 -19.88 -0.79
CA ASP A 106 2.00 -21.29 -1.17
C ASP A 106 3.20 -21.33 -2.13
N ASN A 107 3.02 -20.77 -3.33
CA ASN A 107 4.03 -20.69 -4.38
C ASN A 107 4.95 -19.47 -4.24
N ARG A 108 4.72 -18.60 -3.23
CA ARG A 108 5.51 -17.37 -3.00
C ARG A 108 5.52 -16.46 -4.27
N THR A 109 4.34 -16.30 -4.90
CA THR A 109 4.17 -15.48 -6.08
C THR A 109 3.29 -14.26 -5.84
N VAL A 110 3.35 -13.32 -6.78
CA VAL A 110 2.57 -12.11 -6.74
C VAL A 110 1.86 -11.92 -8.10
N PHE A 111 0.62 -11.42 -8.07
CA PHE A 111 -0.18 -11.20 -9.26
C PHE A 111 0.26 -9.91 -9.96
N PHE A 112 1.02 -10.07 -11.04
CA PHE A 112 1.59 -8.98 -11.84
C PHE A 112 1.17 -9.12 -13.31
N GLU A 113 0.65 -8.03 -13.91
CA GLU A 113 0.24 -7.95 -15.32
C GLU A 113 -0.55 -9.19 -15.82
N GLY A 114 -1.64 -9.50 -15.12
CA GLY A 114 -2.53 -10.59 -15.50
C GLY A 114 -2.27 -11.98 -14.97
N LYS A 115 -1.06 -12.29 -14.47
CA LYS A 115 -0.77 -13.63 -13.95
C LYS A 115 0.08 -13.59 -12.66
N TYR A 116 0.09 -14.66 -11.89
CA TYR A 116 0.90 -14.77 -10.69
C TYR A 116 2.33 -15.15 -11.09
N GLY A 117 3.34 -14.58 -10.44
CA GLY A 117 4.75 -14.86 -10.71
C GLY A 117 5.69 -14.56 -9.55
N GLY A 118 6.84 -15.25 -9.52
CA GLY A 118 7.86 -15.09 -8.47
C GLY A 118 8.67 -13.79 -8.53
N MET A 119 9.60 -13.61 -7.60
CA MET A 119 10.41 -12.38 -7.59
C MET A 119 11.42 -12.35 -8.78
N GLU A 120 11.79 -13.53 -9.33
CA GLU A 120 12.73 -13.69 -10.45
C GLU A 120 12.31 -12.88 -11.70
N LEU A 121 10.99 -12.72 -11.88
CA LEU A 121 10.29 -11.96 -12.93
C LEU A 121 10.88 -10.56 -13.02
N PHE A 122 11.40 -10.05 -11.89
CA PHE A 122 11.94 -8.71 -11.72
C PHE A 122 13.47 -8.61 -11.82
N ARG A 123 14.17 -9.73 -12.26
CA ARG A 123 15.63 -9.76 -12.38
CA ARG A 123 15.64 -9.78 -12.41
C ARG A 123 16.23 -8.54 -13.04
N ALA A 124 15.68 -8.14 -14.20
CA ALA A 124 16.09 -6.99 -15.00
C ALA A 124 16.24 -5.72 -14.21
N LEU A 125 15.43 -5.53 -13.14
CA LEU A 125 15.47 -4.32 -12.31
C LEU A 125 16.75 -4.16 -11.50
N GLY A 126 17.41 -5.29 -11.20
CA GLY A 126 18.67 -5.36 -10.48
C GLY A 126 18.66 -4.81 -9.07
N CYS A 127 17.56 -5.06 -8.34
CA CYS A 127 17.44 -4.66 -6.94
C CYS A 127 16.73 -5.75 -6.17
N SER A 128 17.43 -6.90 -6.14
CA SER A 128 17.05 -8.18 -5.53
C SER A 128 16.88 -8.12 -4.02
N GLU A 129 17.75 -7.35 -3.31
CA GLU A 129 17.66 -7.24 -1.85
C GLU A 129 16.32 -6.65 -1.48
N LEU A 130 15.95 -5.53 -2.13
CA LEU A 130 14.70 -4.84 -1.90
C LEU A 130 13.46 -5.66 -2.28
N ILE A 131 13.47 -6.29 -3.47
CA ILE A 131 12.33 -7.05 -3.96
C ILE A 131 12.03 -8.20 -3.04
N SER A 132 13.09 -8.84 -2.48
CA SER A 132 12.98 -9.95 -1.55
C SER A 132 12.35 -9.54 -0.23
N SER A 133 12.67 -8.31 0.25
CA SER A 133 12.15 -7.71 1.49
C SER A 133 10.66 -7.45 1.31
N ILE A 134 10.26 -6.89 0.14
CA ILE A 134 8.89 -6.58 -0.24
C ILE A 134 8.08 -7.87 -0.17
N PHE A 135 8.59 -8.93 -0.83
CA PHE A 135 8.01 -10.27 -0.87
C PHE A 135 8.01 -10.91 0.53
N ASP A 136 8.99 -10.58 1.37
CA ASP A 136 9.09 -11.11 2.73
C ASP A 136 8.08 -10.45 3.63
N PHE A 137 7.84 -9.15 3.43
CA PHE A 137 6.87 -8.40 4.21
C PHE A 137 5.49 -8.94 3.92
N SER A 138 5.18 -9.13 2.63
CA SER A 138 3.93 -9.66 2.14
C SER A 138 3.73 -11.10 2.60
N HIS A 139 4.84 -11.83 2.81
CA HIS A 139 4.74 -13.21 3.29
C HIS A 139 4.37 -13.25 4.76
N SER A 140 4.77 -12.22 5.54
CA SER A 140 4.45 -12.15 6.97
C SER A 140 3.00 -11.66 7.13
N LEU A 141 2.57 -10.69 6.30
CA LEU A 141 1.21 -10.14 6.31
C LEU A 141 0.19 -11.18 5.81
N SER A 142 0.65 -12.15 5.01
CA SER A 142 -0.17 -13.22 4.47
C SER A 142 -0.69 -14.12 5.59
N ALA A 143 0.18 -14.41 6.61
CA ALA A 143 -0.08 -15.24 7.79
C ALA A 143 -1.25 -14.74 8.63
N LEU A 144 -1.49 -13.42 8.66
CA LEU A 144 -2.57 -12.81 9.41
C LEU A 144 -3.94 -13.13 8.81
N HIS A 145 -3.96 -13.62 7.55
CA HIS A 145 -5.19 -13.93 6.80
C HIS A 145 -6.18 -12.80 6.98
N PHE A 146 -5.65 -11.57 6.82
CA PHE A 146 -6.35 -10.30 6.94
C PHE A 146 -7.64 -10.29 6.11
N SER A 147 -8.73 -9.83 6.69
CA SER A 147 -9.99 -9.71 5.97
C SER A 147 -9.98 -8.30 5.28
N GLU A 148 -10.92 -8.04 4.38
CA GLU A 148 -10.99 -6.78 3.68
C GLU A 148 -11.31 -5.59 4.56
N ASP A 149 -12.03 -5.79 5.70
CA ASP A 149 -12.35 -4.64 6.60
C ASP A 149 -11.15 -4.37 7.49
N GLU A 150 -10.43 -5.45 7.83
CA GLU A 150 -9.22 -5.44 8.60
C GLU A 150 -8.11 -4.66 7.87
N ILE A 151 -7.94 -4.88 6.54
CA ILE A 151 -6.97 -4.16 5.74
C ILE A 151 -7.40 -2.69 5.66
N ALA A 152 -8.71 -2.42 5.46
CA ALA A 152 -9.30 -1.08 5.37
C ALA A 152 -8.97 -0.16 6.54
N LEU A 153 -9.28 -0.63 7.75
CA LEU A 153 -9.09 0.09 9.00
C LEU A 153 -7.60 0.20 9.37
N TYR A 154 -6.84 -0.86 9.14
CA TYR A 154 -5.39 -0.83 9.38
C TYR A 154 -4.68 0.21 8.48
N THR A 155 -4.94 0.20 7.16
CA THR A 155 -4.34 1.14 6.18
C THR A 155 -4.81 2.57 6.45
N ALA A 156 -6.07 2.75 6.88
CA ALA A 156 -6.56 4.08 7.25
C ALA A 156 -5.70 4.55 8.43
N LEU A 157 -5.36 3.62 9.35
CA LEU A 157 -4.54 3.95 10.52
C LEU A 157 -3.11 4.24 10.17
N VAL A 158 -2.56 3.51 9.17
CA VAL A 158 -1.20 3.66 8.63
C VAL A 158 -1.06 5.14 8.17
N LEU A 159 -2.05 5.60 7.37
CA LEU A 159 -2.14 6.94 6.83
C LEU A 159 -2.29 7.99 7.92
N ILE A 160 -3.34 7.85 8.75
CA ILE A 160 -3.64 8.78 9.84
C ILE A 160 -2.80 8.48 11.10
N ASN A 161 -1.65 9.19 11.19
CA ASN A 161 -0.68 9.07 12.28
C ASN A 161 -0.20 10.46 12.70
N ALA A 162 -0.58 10.91 13.90
CA ALA A 162 -0.18 12.21 14.40
C ALA A 162 1.30 12.32 14.76
N HIS A 163 2.02 11.19 14.74
CA HIS A 163 3.43 11.13 15.09
C HIS A 163 4.38 11.60 13.97
N ARG A 164 3.84 11.80 12.74
CA ARG A 164 4.59 12.28 11.58
C ARG A 164 5.18 13.66 11.85
N PRO A 165 6.47 13.87 11.52
CA PRO A 165 7.09 15.18 11.77
C PRO A 165 6.68 16.16 10.67
N GLY A 166 6.38 17.38 11.05
CA GLY A 166 5.98 18.43 10.12
C GLY A 166 4.50 18.75 10.09
N LEU A 167 3.72 18.22 11.04
CA LEU A 167 2.29 18.50 11.10
C LEU A 167 2.06 19.85 11.82
N GLN A 168 1.22 20.72 11.22
CA GLN A 168 0.86 22.08 11.68
C GLN A 168 -0.41 22.14 12.53
N GLU A 169 -1.15 21.03 12.59
CA GLU A 169 -2.38 20.87 13.34
C GLU A 169 -2.38 19.42 13.85
N LYS A 170 -1.32 19.07 14.62
CA LYS A 170 -1.12 17.74 15.23
C LYS A 170 -2.41 17.26 15.93
N ARG A 171 -3.03 18.16 16.71
CA ARG A 171 -4.26 17.98 17.49
C ARG A 171 -5.45 17.54 16.63
N LYS A 172 -5.60 18.14 15.43
CA LYS A 172 -6.66 17.83 14.46
C LYS A 172 -6.45 16.42 13.88
N VAL A 173 -5.18 15.95 13.84
CA VAL A 173 -4.81 14.62 13.32
C VAL A 173 -5.03 13.57 14.40
N GLU A 174 -4.70 13.90 15.66
CA GLU A 174 -4.89 13.05 16.83
C GLU A 174 -6.41 12.69 16.93
N GLN A 175 -7.28 13.69 16.76
CA GLN A 175 -8.71 13.49 16.79
C GLN A 175 -9.17 12.50 15.74
N LEU A 176 -8.55 12.54 14.56
CA LEU A 176 -8.89 11.62 13.48
C LEU A 176 -8.31 10.24 13.75
N GLN A 177 -7.13 10.20 14.34
CA GLN A 177 -6.42 8.97 14.68
C GLN A 177 -7.17 8.14 15.71
N TYR A 178 -7.59 8.80 16.80
CA TYR A 178 -8.27 8.18 17.93
C TYR A 178 -9.63 7.60 17.54
N ASN A 179 -10.39 8.26 16.65
CA ASN A 179 -11.66 7.67 16.22
C ASN A 179 -11.45 6.42 15.40
N LEU A 180 -10.35 6.38 14.63
CA LEU A 180 -9.98 5.24 13.78
C LEU A 180 -9.43 4.10 14.61
N GLU A 181 -8.75 4.43 15.74
CA GLU A 181 -8.24 3.44 16.68
C GLU A 181 -9.46 2.75 17.29
N LEU A 182 -10.48 3.58 17.75
CA LEU A 182 -11.75 3.05 18.29
C LEU A 182 -12.41 2.18 17.25
N ALA A 183 -12.67 2.73 16.06
CA ALA A 183 -13.29 2.00 14.95
C ALA A 183 -12.68 0.60 14.77
N PHE A 184 -11.34 0.50 14.70
CA PHE A 184 -10.59 -0.73 14.50
C PHE A 184 -10.69 -1.67 15.69
N HIS A 185 -10.57 -1.15 16.94
CA HIS A 185 -10.66 -1.95 18.17
C HIS A 185 -12.09 -2.55 18.26
N HIS A 186 -13.09 -1.69 18.08
CA HIS A 186 -14.49 -2.04 18.10
C HIS A 186 -14.72 -3.17 17.12
N HIS A 187 -14.41 -2.92 15.84
CA HIS A 187 -14.58 -3.89 14.80
C HIS A 187 -13.92 -5.22 15.12
N LEU A 188 -12.68 -5.21 15.59
CA LEU A 188 -11.94 -6.44 15.94
C LEU A 188 -12.60 -7.27 17.08
N HIS A 189 -13.22 -6.56 18.06
CA HIS A 189 -13.94 -7.19 19.16
C HIS A 189 -15.18 -7.85 18.58
N LYS A 190 -16.04 -7.06 17.89
CA LYS A 190 -17.27 -7.51 17.21
C LYS A 190 -17.08 -8.82 16.43
N THR A 191 -15.92 -9.01 15.82
CA THR A 191 -15.58 -10.17 14.99
C THR A 191 -14.65 -11.22 15.63
N HIS A 192 -14.23 -11.01 16.89
CA HIS A 192 -13.31 -11.90 17.63
C HIS A 192 -12.03 -12.11 16.83
N ARG A 193 -11.39 -11.01 16.47
CA ARG A 193 -10.16 -11.02 15.69
C ARG A 193 -9.00 -10.22 16.31
N GLN A 194 -9.20 -9.61 17.52
CA GLN A 194 -8.22 -8.83 18.29
C GLN A 194 -6.85 -9.54 18.39
N SER A 195 -6.85 -10.88 18.28
CA SER A 195 -5.64 -11.69 18.29
C SER A 195 -4.62 -11.14 17.27
N ILE A 196 -5.11 -10.53 16.15
CA ILE A 196 -4.27 -10.00 15.08
C ILE A 196 -3.44 -8.80 15.57
N LEU A 197 -3.92 -8.05 16.59
CA LEU A 197 -3.19 -6.89 17.10
C LEU A 197 -1.73 -7.20 17.43
N ALA A 198 -1.49 -8.33 18.12
CA ALA A 198 -0.16 -8.80 18.51
C ALA A 198 0.65 -9.27 17.31
N LYS A 199 -0.03 -9.80 16.28
CA LYS A 199 0.56 -10.31 15.05
C LYS A 199 0.87 -9.21 14.00
N LEU A 200 0.34 -7.97 14.22
CA LEU A 200 0.55 -6.82 13.31
C LEU A 200 2.02 -6.44 13.26
N PRO A 201 2.55 -6.02 12.08
CA PRO A 201 3.98 -5.67 12.02
C PRO A 201 4.36 -4.45 12.86
N PRO A 202 5.61 -4.40 13.39
CA PRO A 202 6.03 -3.22 14.19
C PRO A 202 6.20 -2.02 13.26
N LYS A 203 5.70 -0.82 13.68
CA LYS A 203 5.70 0.45 12.92
C LYS A 203 7.04 0.78 12.21
N GLY A 204 8.15 0.50 12.89
CA GLY A 204 9.49 0.73 12.38
C GLY A 204 9.84 -0.10 11.18
N LYS A 205 9.36 -1.38 11.15
CA LYS A 205 9.59 -2.34 10.06
C LYS A 205 9.04 -1.75 8.78
N LEU A 206 7.77 -1.36 8.81
CA LEU A 206 7.03 -0.74 7.73
C LEU A 206 7.69 0.53 7.23
N ARG A 207 8.13 1.43 8.14
CA ARG A 207 8.76 2.70 7.74
C ARG A 207 10.16 2.48 7.12
N SER A 208 10.89 1.42 7.57
CA SER A 208 12.20 1.05 7.05
C SER A 208 12.04 0.47 5.63
N LEU A 209 11.06 -0.45 5.44
CA LEU A 209 10.78 -1.07 4.15
C LEU A 209 10.47 0.03 3.13
N CYS A 210 9.53 0.90 3.48
CA CYS A 210 9.06 2.00 2.67
C CYS A 210 10.18 2.94 2.26
N SER A 211 11.04 3.37 3.21
CA SER A 211 12.16 4.30 2.95
C SER A 211 13.16 3.72 1.96
N GLN A 212 13.52 2.43 2.15
CA GLN A 212 14.40 1.70 1.23
C GLN A 212 13.73 1.76 -0.15
N HIS A 213 12.45 1.34 -0.21
CA HIS A 213 11.63 1.30 -1.42
C HIS A 213 11.59 2.62 -2.16
N VAL A 214 11.24 3.69 -1.45
CA VAL A 214 11.14 5.03 -2.01
C VAL A 214 12.54 5.52 -2.42
N GLU A 215 13.61 5.00 -1.77
CA GLU A 215 14.96 5.42 -2.17
C GLU A 215 15.30 4.84 -3.53
N ARG A 216 15.14 3.50 -3.72
CA ARG A 216 15.41 2.90 -5.02
C ARG A 216 14.54 3.50 -6.12
N LEU A 217 13.31 3.93 -5.76
CA LEU A 217 12.33 4.56 -6.66
C LEU A 217 12.84 5.94 -7.06
N GLN A 218 13.35 6.71 -6.10
CA GLN A 218 13.89 8.06 -6.34
C GLN A 218 15.19 8.05 -7.18
N ILE A 219 15.99 6.97 -6.98
CA ILE A 219 17.24 6.71 -7.70
C ILE A 219 16.92 6.48 -9.22
N PHE A 220 15.94 5.58 -9.51
CA PHE A 220 15.49 5.22 -10.85
C PHE A 220 14.82 6.41 -11.55
N GLN A 221 14.13 7.27 -10.78
CA GLN A 221 13.44 8.44 -11.34
C GLN A 221 14.48 9.48 -11.74
N HIS A 222 15.68 9.43 -11.12
CA HIS A 222 16.75 10.35 -11.47
C HIS A 222 17.37 9.93 -12.81
N LEU A 223 17.64 8.61 -12.97
CA LEU A 223 18.23 7.96 -14.14
C LEU A 223 17.30 7.96 -15.37
N HIS A 224 16.10 7.33 -15.21
CA HIS A 224 15.07 7.15 -16.23
C HIS A 224 13.73 7.78 -15.80
N PRO A 225 13.58 9.12 -15.74
CA PRO A 225 12.30 9.70 -15.27
C PRO A 225 11.05 9.34 -16.08
N ILE A 226 9.99 8.85 -15.37
CA ILE A 226 8.67 8.52 -15.93
C ILE A 226 7.81 9.74 -15.72
N VAL A 227 6.71 9.83 -16.46
CA VAL A 227 5.82 10.98 -16.32
C VAL A 227 4.45 10.55 -15.82
N VAL A 228 3.99 11.20 -14.76
CA VAL A 228 2.69 10.86 -14.18
C VAL A 228 1.77 12.10 -14.11
N GLN A 229 0.46 11.89 -14.43
CA GLN A 229 -0.59 12.92 -14.38
C GLN A 229 -1.08 12.95 -12.91
N ALA A 230 -0.54 13.91 -12.12
CA ALA A 230 -0.76 14.13 -10.68
C ALA A 230 -2.23 14.23 -10.20
N ALA A 231 -2.59 13.37 -9.22
CA ALA A 231 -3.91 13.37 -8.59
C ALA A 231 -3.85 14.44 -7.49
N PHE A 232 -2.68 14.55 -6.84
CA PHE A 232 -2.42 15.51 -5.79
C PHE A 232 -1.11 16.26 -6.15
N PRO A 233 -1.23 17.36 -6.93
CA PRO A 233 -0.04 18.11 -7.37
C PRO A 233 0.95 18.61 -6.28
N PRO A 234 0.54 19.19 -5.11
CA PRO A 234 1.57 19.62 -4.12
C PRO A 234 2.41 18.49 -3.54
N LEU A 235 1.94 17.22 -3.66
CA LEU A 235 2.62 16.00 -3.23
C LEU A 235 3.62 15.65 -4.37
N TYR A 236 3.14 15.73 -5.64
CA TYR A 236 3.93 15.44 -6.83
C TYR A 236 5.14 16.35 -6.87
N LYS A 237 4.93 17.68 -6.70
CA LYS A 237 6.03 18.65 -6.70
C LYS A 237 7.03 18.37 -5.56
N GLU A 238 6.54 17.81 -4.44
CA GLU A 238 7.36 17.47 -3.28
C GLU A 238 8.24 16.22 -3.50
N LEU A 239 7.63 15.12 -3.96
CA LEU A 239 8.30 13.83 -4.19
C LEU A 239 9.22 13.81 -5.41
N PHE A 240 8.69 14.27 -6.56
CA PHE A 240 9.37 14.29 -7.86
C PHE A 240 10.32 15.52 -8.08
N SER A 241 10.44 16.42 -7.06
CA SER A 241 11.28 17.64 -7.04
C SER A 241 11.03 18.58 -8.22
N1 Q3Y B . 6.20 7.85 -4.93
C2 Q3Y B . 6.19 7.71 -2.39
C4 Q3Y B . 4.61 8.87 -3.81
C8 Q3Y B . 7.54 6.93 -6.86
C7 Q3Y B . 7.30 7.08 -5.37
C6 Q3Y B . 4.39 9.04 -5.25
C9 Q3Y B . 8.61 7.61 -7.50
C10 Q3Y B . 8.74 7.49 -8.88
C5 Q3Y B . 3.87 9.19 -2.67
C13 Q3Y B . 6.66 6.16 -7.64
C12 Q3Y B . 6.81 6.06 -9.02
C11 Q3Y B . 7.85 6.74 -9.63
C17 Q3Y B . 3.16 11.10 -5.67
C16 Q3Y B . 9.95 9.85 -7.15
C15 Q3Y B . 9.15 9.67 -5.93
C14 Q3Y B . 9.59 8.46 -6.71
N Q3Y B . 5.35 8.43 -5.87
C Q3Y B . 4.24 8.80 -1.41
O Q3Y B . 8.05 6.52 -4.59
C22 Q3Y B . 0.01 11.65 -7.90
C20 Q3Y B . 1.60 9.62 -7.68
C19 Q3Y B . 1.37 11.12 -7.43
O2 Q3Y B . -0.36 12.75 -7.44
O1 Q3Y B . -0.63 10.98 -8.76
C18 Q3Y B . 1.72 11.48 -5.97
O3 Q3Y B . 1.54 12.87 -5.72
C21 Q3Y B . 3.01 9.18 -7.26
N2 Q3Y B . 3.38 9.67 -5.92
F Q3Y B . 2.72 9.90 -2.82
C3 Q3Y B . 5.77 8.11 -3.66
C1 Q3Y B . 5.42 8.07 -1.27
CL Q3Y B . 5.35 5.32 -6.89
#